data_4JYS
#
_entry.id   4JYS
#
_cell.length_a   46.600
_cell.length_b   61.910
_cell.length_c   99.960
_cell.angle_alpha   90.00
_cell.angle_beta   90.00
_cell.angle_gamma   90.00
#
_symmetry.space_group_name_H-M   'P 21 21 21'
#
loop_
_entity.id
_entity.type
_entity.pdbx_description
1 polymer 'Peptidyl-prolyl cis-trans isomerase'
2 non-polymer IMIDAZOLE
3 non-polymer 'CHLORIDE ION'
4 water water
#
_entity_poly.entity_id   1
_entity_poly.type   'polypeptide(L)'
_entity_poly.pdbx_seq_one_letter_code
;KYKSDKPYVKTESGILYKDLIDGEGDPIEEGDIVYIHYQGKTTNDFRIIHSTFNSIIPPKIRAGQYDQKHIRAIYEIVIG
MKKHTRRQCVVPPHLAYPNHFPSQPLLYEIDVVKVVKKDSQGKTFIEKVEQKIDQIRS
;
_entity_poly.pdbx_strand_id   A,B
#
# COMPACT_ATOMS: atom_id res chain seq x y z
N ASP A 5 -22.47 -18.35 22.89
CA ASP A 5 -20.99 -18.43 23.01
C ASP A 5 -20.36 -17.11 23.53
N LYS A 6 -19.20 -16.74 23.02
CA LYS A 6 -18.36 -15.74 23.63
C LYS A 6 -18.82 -14.30 23.37
N PRO A 7 -18.48 -13.37 24.30
CA PRO A 7 -18.78 -11.98 24.00
C PRO A 7 -17.76 -11.40 23.00
N TYR A 8 -18.12 -10.27 22.37
CA TYR A 8 -17.11 -9.46 21.69
C TYR A 8 -16.14 -8.83 22.70
N VAL A 9 -14.87 -8.73 22.35
CA VAL A 9 -13.89 -7.90 23.08
C VAL A 9 -13.85 -6.54 22.35
N LYS A 10 -13.95 -5.41 23.07
CA LYS A 10 -13.95 -4.09 22.37
C LYS A 10 -12.61 -3.43 22.56
N THR A 11 -12.01 -3.00 21.45
CA THR A 11 -10.78 -2.17 21.55
C THR A 11 -11.25 -0.74 21.94
N GLU A 12 -10.31 0.05 22.42
CA GLU A 12 -10.53 1.47 22.71
C GLU A 12 -11.05 2.20 21.48
N SER A 13 -10.61 1.75 20.31
CA SER A 13 -10.98 2.41 19.05
C SER A 13 -12.35 2.02 18.57
N GLY A 14 -12.98 1.07 19.27
CA GLY A 14 -14.33 0.65 18.94
C GLY A 14 -14.46 -0.60 18.10
N ILE A 15 -13.36 -1.32 17.89
CA ILE A 15 -13.50 -2.58 17.15
C ILE A 15 -13.99 -3.65 18.09
N LEU A 16 -15.16 -4.24 17.78
CA LEU A 16 -15.67 -5.33 18.58
C LEU A 16 -15.32 -6.62 17.84
N TYR A 17 -14.63 -7.53 18.49
CA TYR A 17 -14.10 -8.73 17.80
C TYR A 17 -14.21 -9.99 18.65
N LYS A 18 -14.30 -11.12 17.96
CA LYS A 18 -14.09 -12.42 18.60
C LYS A 18 -13.34 -13.34 17.67
N ASP A 19 -12.54 -14.22 18.25
CA ASP A 19 -11.80 -15.20 17.47
C ASP A 19 -12.63 -16.43 17.27
N LEU A 20 -12.92 -16.70 16.01
CA LEU A 20 -13.73 -17.86 15.66
C LEU A 20 -12.85 -19.08 15.56
N ILE A 21 -11.59 -18.87 15.22
CA ILE A 21 -10.54 -19.91 15.14
C ILE A 21 -9.31 -19.34 15.83
N ASP A 22 -8.71 -20.09 16.74
CA ASP A 22 -7.64 -19.46 17.54
C ASP A 22 -6.31 -19.17 16.82
N GLY A 23 -5.93 -20.02 15.87
CA GLY A 23 -4.64 -19.86 15.20
C GLY A 23 -3.56 -20.58 15.97
N GLU A 24 -2.32 -20.49 15.49
CA GLU A 24 -1.19 -21.25 16.02
C GLU A 24 0.08 -20.43 15.85
N GLY A 25 1.03 -20.63 16.74
CA GLY A 25 2.32 -19.92 16.65
C GLY A 25 2.35 -18.61 17.39
N ASP A 26 3.35 -17.76 17.13
CA ASP A 26 3.48 -16.50 17.87
C ASP A 26 2.46 -15.43 17.45
N PRO A 27 1.93 -14.64 18.41
CA PRO A 27 1.05 -13.52 18.06
C PRO A 27 1.72 -12.47 17.16
N ILE A 28 0.94 -11.87 16.26
CA ILE A 28 1.41 -10.80 15.41
C ILE A 28 1.67 -9.55 16.26
N GLU A 29 2.77 -8.86 15.98
CA GLU A 29 3.15 -7.58 16.62
C GLU A 29 3.30 -6.49 15.58
N GLU A 30 3.13 -5.24 16.00
CA GLU A 30 3.29 -4.07 15.15
C GLU A 30 4.54 -4.21 14.28
N GLY A 31 4.43 -3.88 12.99
CA GLY A 31 5.54 -4.02 12.06
C GLY A 31 5.67 -5.38 11.36
N ASP A 32 5.08 -6.45 11.90
CA ASP A 32 5.09 -7.75 11.20
C ASP A 32 4.41 -7.62 9.84
N ILE A 33 4.89 -8.37 8.85
CA ILE A 33 4.25 -8.35 7.53
C ILE A 33 3.27 -9.50 7.58
N VAL A 34 2.00 -9.25 7.17
CA VAL A 34 0.95 -10.25 7.36
C VAL A 34 0.20 -10.41 6.05
N TYR A 35 0.02 -11.65 5.63
CA TYR A 35 -0.81 -11.93 4.47
C TYR A 35 -2.16 -12.26 5.03
N ILE A 36 -3.19 -11.56 4.55
CA ILE A 36 -4.53 -11.80 5.04
C ILE A 36 -5.56 -12.01 3.96
N HIS A 37 -6.62 -12.72 4.29
CA HIS A 37 -7.83 -12.75 3.47
C HIS A 37 -8.96 -12.15 4.29
N TYR A 38 -9.87 -11.41 3.66
CA TYR A 38 -10.98 -10.90 4.43
C TYR A 38 -12.17 -10.56 3.57
N GLN A 39 -13.33 -10.46 4.20
CA GLN A 39 -14.54 -9.95 3.59
C GLN A 39 -15.21 -9.01 4.56
N GLY A 40 -15.86 -7.96 4.02
CA GLY A 40 -16.63 -7.01 4.83
C GLY A 40 -18.02 -6.90 4.29
N LYS A 41 -19.00 -6.75 5.19
CA LYS A 41 -20.44 -6.64 4.81
C LYS A 41 -21.07 -5.47 5.57
N THR A 42 -22.12 -4.90 4.96
CA THR A 42 -23.01 -3.97 5.64
C THR A 42 -23.77 -4.73 6.72
N THR A 43 -24.21 -4.00 7.75
CA THR A 43 -25.08 -4.61 8.75
C THR A 43 -26.53 -4.19 8.47
N ASN A 44 -26.73 -3.14 7.69
CA ASN A 44 -28.09 -2.76 7.31
C ASN A 44 -28.72 -3.91 6.53
N ASP A 45 -28.05 -4.35 5.47
CA ASP A 45 -28.61 -5.39 4.61
C ASP A 45 -27.71 -6.62 4.41
N PHE A 46 -26.62 -6.72 5.16
CA PHE A 46 -25.62 -7.81 5.03
C PHE A 46 -25.11 -8.12 3.62
N ARG A 47 -24.91 -7.10 2.79
CA ARG A 47 -24.30 -7.42 1.50
C ARG A 47 -22.80 -7.18 1.54
N ILE A 48 -22.07 -7.98 0.78
CA ILE A 48 -20.62 -7.91 0.75
C ILE A 48 -20.17 -6.65 0.06
N ILE A 49 -19.33 -5.89 0.74
CA ILE A 49 -18.82 -4.68 0.12
C ILE A 49 -17.42 -4.89 -0.43
N HIS A 50 -16.66 -5.82 0.16
CA HIS A 50 -15.33 -6.16 -0.35
C HIS A 50 -14.95 -7.59 0.05
N SER A 51 -14.25 -8.28 -0.84
CA SER A 51 -13.82 -9.65 -0.52
C SER A 51 -12.46 -9.80 -1.16
N THR A 52 -11.52 -10.43 -0.46
CA THR A 52 -10.19 -10.64 -1.05
C THR A 52 -10.09 -12.01 -1.72
N PHE A 53 -11.18 -12.78 -1.75
CA PHE A 53 -11.04 -14.24 -2.01
C PHE A 53 -10.71 -14.60 -3.44
N ASN A 54 -10.79 -13.64 -4.35
CA ASN A 54 -10.34 -13.88 -5.75
C ASN A 54 -8.82 -13.71 -5.94
N SER A 55 -8.13 -13.16 -4.94
CA SER A 55 -6.65 -12.97 -5.03
C SER A 55 -5.94 -14.22 -4.56
N ILE A 56 -5.23 -14.93 -5.46
CA ILE A 56 -4.52 -16.15 -5.11
C ILE A 56 -3.40 -15.80 -4.13
N ILE A 57 -2.69 -14.71 -4.40
CA ILE A 57 -1.74 -14.23 -3.39
C ILE A 57 -2.53 -13.24 -2.53
N PRO A 58 -2.69 -13.53 -1.20
CA PRO A 58 -3.51 -12.61 -0.34
C PRO A 58 -2.80 -11.27 -0.23
N PRO A 59 -3.57 -10.18 -0.05
CA PRO A 59 -2.93 -8.86 0.21
C PRO A 59 -2.04 -8.96 1.42
N LYS A 60 -0.96 -8.16 1.45
CA LYS A 60 -0.09 -8.17 2.62
C LYS A 60 -0.05 -6.77 3.20
N ILE A 61 0.11 -6.68 4.51
CA ILE A 61 0.13 -5.36 5.16
C ILE A 61 1.19 -5.47 6.23
N ARG A 62 1.59 -4.34 6.82
CA ARG A 62 2.42 -4.36 8.03
C ARG A 62 1.48 -4.05 9.18
N ALA A 63 1.49 -4.93 10.17
CA ALA A 63 0.61 -4.80 11.31
C ALA A 63 0.82 -3.44 11.97
N GLY A 64 -0.31 -2.78 12.21
CA GLY A 64 -0.32 -1.48 12.89
C GLY A 64 0.16 -0.31 12.07
N GLN A 65 0.28 -0.48 10.76
CA GLN A 65 0.78 0.59 9.91
C GLN A 65 -0.10 0.88 8.70
N TYR A 66 -1.12 1.69 8.94
CA TYR A 66 -2.08 2.06 7.94
C TYR A 66 -1.40 2.72 6.75
N ASP A 67 -1.73 2.27 5.56
CA ASP A 67 -1.04 2.75 4.36
C ASP A 67 -2.10 2.99 3.33
N GLN A 68 -3.34 3.03 3.81
CA GLN A 68 -4.46 3.44 2.99
C GLN A 68 -4.90 2.39 1.93
N LYS A 69 -4.22 1.25 1.89
CA LYS A 69 -4.59 0.19 0.94
C LYS A 69 -5.86 -0.58 1.36
N HIS A 70 -6.11 -0.62 2.66
CA HIS A 70 -7.27 -1.35 3.19
C HIS A 70 -7.90 -0.42 4.21
N ILE A 71 -9.08 -0.78 4.72
CA ILE A 71 -9.69 0.05 5.77
C ILE A 71 -8.79 0.11 6.99
N ARG A 72 -8.84 1.25 7.68
CA ARG A 72 -7.96 1.46 8.83
C ARG A 72 -8.05 0.32 9.87
N ALA A 73 -9.26 -0.20 10.12
CA ALA A 73 -9.45 -1.18 11.21
C ALA A 73 -8.54 -2.40 11.10
N ILE A 74 -8.32 -2.84 9.86
CA ILE A 74 -7.54 -4.06 9.57
C ILE A 74 -6.13 -4.05 10.18
N TYR A 75 -5.44 -2.92 10.07
CA TYR A 75 -4.07 -2.77 10.56
C TYR A 75 -4.02 -2.95 12.04
N GLU A 76 -5.08 -2.51 12.71
CA GLU A 76 -5.13 -2.69 14.18
C GLU A 76 -5.50 -4.12 14.56
N ILE A 77 -6.54 -4.64 13.93
CA ILE A 77 -7.06 -5.90 14.40
C ILE A 77 -6.16 -7.13 14.12
N VAL A 78 -5.21 -7.06 13.17
CA VAL A 78 -4.22 -8.17 13.04
C VAL A 78 -3.33 -8.34 14.27
N ILE A 79 -3.09 -7.24 15.00
CA ILE A 79 -2.20 -7.35 16.17
C ILE A 79 -2.80 -8.33 17.18
N GLY A 80 -2.01 -9.32 17.59
CA GLY A 80 -2.49 -10.35 18.53
C GLY A 80 -3.10 -11.56 17.82
N MET A 81 -3.47 -11.44 16.53
CA MET A 81 -3.83 -12.62 15.76
C MET A 81 -2.59 -13.48 15.53
N LYS A 82 -2.83 -14.74 15.16
CA LYS A 82 -1.78 -15.68 14.82
C LYS A 82 -2.03 -16.23 13.43
N LYS A 83 -1.02 -16.98 12.93
CA LYS A 83 -1.23 -17.78 11.74
C LYS A 83 -2.51 -18.57 11.90
N HIS A 84 -3.37 -18.52 10.89
CA HIS A 84 -4.69 -19.20 10.89
C HIS A 84 -5.80 -18.68 11.83
N THR A 85 -5.53 -17.65 12.63
CA THR A 85 -6.61 -17.05 13.44
C THR A 85 -7.66 -16.52 12.46
N ARG A 86 -8.93 -16.71 12.80
CA ARG A 86 -9.99 -16.02 12.13
C ARG A 86 -10.74 -15.17 13.17
N ARG A 87 -10.88 -13.88 12.87
CA ARG A 87 -11.43 -12.88 13.78
C ARG A 87 -12.62 -12.24 13.10
N GLN A 88 -13.76 -12.30 13.77
CA GLN A 88 -14.98 -11.66 13.29
C GLN A 88 -15.09 -10.30 13.99
N CYS A 89 -15.37 -9.23 13.25
CA CYS A 89 -15.20 -7.86 13.77
C CYS A 89 -16.38 -7.00 13.41
N VAL A 90 -16.91 -6.25 14.39
CA VAL A 90 -17.89 -5.16 14.17
C VAL A 90 -17.12 -3.82 14.18
N VAL A 91 -17.13 -3.11 13.07
CA VAL A 91 -16.16 -2.03 12.86
C VAL A 91 -16.90 -0.67 12.80
N PRO A 92 -16.41 0.32 13.55
CA PRO A 92 -17.09 1.62 13.58
C PRO A 92 -16.75 2.47 12.30
N PRO A 93 -17.63 3.41 11.91
CA PRO A 93 -17.39 4.20 10.67
C PRO A 93 -16.03 4.88 10.59
N HIS A 94 -15.50 5.43 11.69
CA HIS A 94 -14.27 6.18 11.56
C HIS A 94 -13.09 5.29 11.11
N LEU A 95 -13.24 3.97 11.22
CA LEU A 95 -12.16 3.03 10.85
C LEU A 95 -12.44 2.22 9.59
N ALA A 96 -13.49 2.62 8.86
CA ALA A 96 -13.94 1.89 7.69
C ALA A 96 -14.16 2.90 6.55
N TYR A 97 -15.41 3.26 6.30
CA TYR A 97 -15.74 4.21 5.19
C TYR A 97 -16.52 5.38 5.79
N PRO A 98 -15.80 6.37 6.35
CA PRO A 98 -16.51 7.40 7.12
C PRO A 98 -17.44 8.29 6.29
N ASN A 99 -17.21 8.35 4.97
CA ASN A 99 -18.11 9.06 4.05
C ASN A 99 -19.11 8.11 3.42
N HIS A 100 -18.65 6.96 2.95
CA HIS A 100 -19.54 6.03 2.28
C HIS A 100 -20.50 5.33 3.21
N PHE A 101 -20.02 4.87 4.36
CA PHE A 101 -20.96 4.24 5.30
C PHE A 101 -20.87 4.92 6.64
N PRO A 102 -21.41 6.16 6.73
CA PRO A 102 -21.17 6.94 7.93
C PRO A 102 -22.05 6.48 9.08
N SER A 103 -23.11 5.73 8.78
CA SER A 103 -24.21 5.59 9.74
C SER A 103 -24.50 4.18 10.26
N GLN A 104 -23.61 3.23 9.98
CA GLN A 104 -23.81 1.87 10.46
C GLN A 104 -22.48 1.19 10.79
N PRO A 105 -22.53 0.16 11.66
CA PRO A 105 -21.30 -0.61 11.75
C PRO A 105 -21.17 -1.57 10.54
N LEU A 106 -19.94 -1.99 10.24
CA LEU A 106 -19.68 -3.03 9.26
C LEU A 106 -19.15 -4.29 9.92
N LEU A 107 -19.44 -5.43 9.28
CA LEU A 107 -19.06 -6.72 9.80
C LEU A 107 -17.97 -7.30 8.90
N TYR A 108 -16.82 -7.59 9.50
CA TYR A 108 -15.64 -8.16 8.76
C TYR A 108 -15.25 -9.47 9.37
N GLU A 109 -14.77 -10.40 8.53
CA GLU A 109 -14.04 -11.54 9.04
C GLU A 109 -12.67 -11.58 8.40
N ILE A 110 -11.62 -11.64 9.20
CA ILE A 110 -10.25 -11.56 8.72
C ILE A 110 -9.57 -12.88 9.09
N ASP A 111 -8.87 -13.52 8.13
CA ASP A 111 -8.08 -14.77 8.33
C ASP A 111 -6.65 -14.39 8.10
N VAL A 112 -5.75 -14.78 9.00
CA VAL A 112 -4.32 -14.62 8.79
C VAL A 112 -3.77 -15.89 8.09
N VAL A 113 -3.23 -15.68 6.89
CA VAL A 113 -2.70 -16.75 6.03
C VAL A 113 -1.21 -16.97 6.36
N LYS A 114 -0.45 -15.89 6.50
CA LYS A 114 0.99 -16.08 6.76
C LYS A 114 1.54 -14.86 7.44
N VAL A 115 2.49 -15.08 8.34
CA VAL A 115 3.21 -13.99 9.00
C VAL A 115 4.70 -14.07 8.63
N VAL A 116 5.23 -12.95 8.16
CA VAL A 116 6.66 -12.75 7.88
C VAL A 116 7.20 -11.70 8.87
N LYS A 117 7.72 -12.14 10.00
CA LYS A 117 8.37 -11.22 10.95
C LYS A 117 9.86 -11.40 10.73
N LYS A 118 10.15 -12.12 9.66
CA LYS A 118 11.35 -12.92 9.53
C LYS A 118 12.58 -12.16 9.04
N ASP A 119 12.41 -11.35 7.99
CA ASP A 119 13.52 -10.91 7.13
C ASP A 119 14.26 -12.15 6.59
N SER A 120 13.78 -13.35 6.99
CA SER A 120 14.12 -14.64 6.37
C SER A 120 13.56 -14.68 4.96
N GLN A 121 12.77 -13.67 4.63
CA GLN A 121 12.26 -13.49 3.27
C GLN A 121 13.39 -13.04 2.34
N GLY A 122 14.47 -13.83 2.33
CA GLY A 122 15.52 -13.73 1.30
C GLY A 122 14.94 -14.29 0.00
N LYS A 123 15.77 -14.42 -1.03
CA LYS A 123 15.29 -14.85 -2.36
C LYS A 123 15.20 -16.39 -2.51
N THR A 124 14.33 -16.87 -3.41
CA THR A 124 14.19 -18.34 -3.67
C THR A 124 14.50 -18.83 -5.12
N PHE A 125 14.63 -20.15 -5.28
CA PHE A 125 14.82 -20.78 -6.59
C PHE A 125 15.91 -20.12 -7.48
N ILE A 126 15.57 -19.88 -8.77
CA ILE A 126 16.48 -19.23 -9.77
C ILE A 126 16.96 -17.83 -9.34
N GLU A 127 16.06 -17.01 -8.77
CA GLU A 127 16.48 -15.71 -8.18
C GLU A 127 17.61 -15.83 -7.15
N LYS A 128 17.40 -16.70 -6.16
CA LYS A 128 18.40 -16.98 -5.14
C LYS A 128 19.71 -17.40 -5.78
N VAL A 129 19.64 -18.38 -6.67
CA VAL A 129 20.84 -18.93 -7.30
C VAL A 129 21.62 -17.84 -8.07
N GLU A 130 20.90 -17.06 -8.88
CA GLU A 130 21.55 -16.02 -9.67
C GLU A 130 22.13 -14.90 -8.81
N GLN A 131 21.43 -14.57 -7.72
CA GLN A 131 21.95 -13.64 -6.69
C GLN A 131 23.33 -14.05 -6.15
N LYS A 132 23.45 -15.29 -5.69
CA LYS A 132 24.69 -15.86 -5.14
C LYS A 132 25.86 -15.88 -6.13
N ILE A 133 25.55 -16.17 -7.39
CA ILE A 133 26.52 -16.06 -8.47
C ILE A 133 26.94 -14.60 -8.67
N ASP A 134 26.17 -13.67 -8.10
CA ASP A 134 26.47 -12.23 -8.19
C ASP A 134 27.16 -11.59 -6.96
N GLN A 135 27.45 -12.39 -5.92
CA GLN A 135 28.49 -12.04 -4.94
C GLN A 135 29.81 -12.40 -5.64
N ILE A 136 30.01 -13.72 -5.70
CA ILE A 136 31.07 -14.41 -6.45
C ILE A 136 31.01 -14.24 -7.99
N ASP B 5 23.69 1.64 -17.16
CA ASP B 5 22.28 1.35 -17.57
C ASP B 5 21.58 0.41 -16.57
N LYS B 6 20.41 0.79 -16.08
CA LYS B 6 19.82 0.20 -14.87
C LYS B 6 18.55 -0.64 -15.15
N PRO B 7 18.34 -1.73 -14.40
CA PRO B 7 17.05 -2.43 -14.64
C PRO B 7 15.92 -1.77 -13.88
N TYR B 8 14.69 -2.05 -14.29
CA TYR B 8 13.53 -1.73 -13.47
C TYR B 8 13.37 -2.70 -12.30
N VAL B 9 12.88 -2.17 -11.19
CA VAL B 9 12.35 -2.94 -10.09
C VAL B 9 10.82 -2.78 -10.08
N LYS B 10 10.09 -3.85 -9.71
CA LYS B 10 8.63 -3.88 -9.81
C LYS B 10 8.06 -3.85 -8.41
N THR B 11 7.20 -2.87 -8.15
CA THR B 11 6.52 -2.83 -6.85
C THR B 11 5.38 -3.89 -6.79
N GLU B 12 4.93 -4.23 -5.57
CA GLU B 12 3.75 -5.11 -5.44
C GLU B 12 2.57 -4.52 -6.25
N SER B 13 2.44 -3.19 -6.23
CA SER B 13 1.33 -2.50 -6.89
C SER B 13 1.42 -2.54 -8.43
N GLY B 14 2.53 -3.00 -8.99
CA GLY B 14 2.73 -3.09 -10.42
C GLY B 14 3.47 -1.92 -11.07
N ILE B 15 4.11 -1.07 -10.26
CA ILE B 15 4.91 0.04 -10.86
C ILE B 15 6.31 -0.47 -11.12
N LEU B 16 6.84 -0.19 -12.31
CA LEU B 16 8.24 -0.43 -12.58
C LEU B 16 9.01 0.87 -12.43
N TYR B 17 10.16 0.83 -11.75
CA TYR B 17 10.91 2.08 -11.52
C TYR B 17 12.39 1.84 -11.47
N LYS B 18 13.13 2.90 -11.74
CA LYS B 18 14.57 2.89 -11.58
C LYS B 18 14.98 4.37 -11.28
N ASP B 19 16.09 4.54 -10.59
CA ASP B 19 16.59 5.89 -10.34
C ASP B 19 17.60 6.35 -11.37
N LEU B 20 17.23 7.39 -12.09
CA LEU B 20 18.15 7.97 -13.09
C LEU B 20 19.17 8.87 -12.44
N ILE B 21 18.80 9.49 -11.33
CA ILE B 21 19.72 10.33 -10.55
C ILE B 21 19.55 9.84 -9.12
N ASP B 22 20.63 9.43 -8.50
CA ASP B 22 20.46 8.85 -7.15
C ASP B 22 19.94 9.75 -6.09
N GLY B 23 20.44 10.99 -6.07
CA GLY B 23 19.99 11.91 -5.02
C GLY B 23 20.86 11.64 -3.80
N GLU B 24 20.58 12.35 -2.71
CA GLU B 24 21.43 12.20 -1.51
C GLU B 24 20.65 12.60 -0.28
N GLY B 25 21.01 12.02 0.86
CA GLY B 25 20.35 12.35 2.14
C GLY B 25 19.49 11.17 2.58
N ASP B 26 18.63 11.40 3.56
CA ASP B 26 17.78 10.34 4.10
C ASP B 26 16.63 10.06 3.13
N PRO B 27 16.31 8.79 2.91
CA PRO B 27 15.23 8.38 2.01
C PRO B 27 13.87 8.79 2.58
N ILE B 28 12.96 9.18 1.69
CA ILE B 28 11.63 9.60 2.09
C ILE B 28 10.92 8.38 2.71
N GLU B 29 10.21 8.63 3.80
CA GLU B 29 9.33 7.62 4.41
C GLU B 29 7.89 8.06 4.31
N GLU B 30 6.99 7.09 4.39
CA GLU B 30 5.56 7.37 4.54
C GLU B 30 5.27 8.47 5.57
N GLY B 31 4.47 9.45 5.15
CA GLY B 31 4.11 10.58 5.98
C GLY B 31 4.99 11.81 5.82
N ASP B 32 6.18 11.67 5.25
CA ASP B 32 7.01 12.86 4.97
C ASP B 32 6.33 13.79 3.99
N ILE B 33 6.60 15.09 4.12
CA ILE B 33 6.12 16.08 3.12
C ILE B 33 7.21 16.14 2.05
N VAL B 34 6.79 16.12 0.78
CA VAL B 34 7.73 15.99 -0.35
C VAL B 34 7.29 17.01 -1.40
N TYR B 35 8.22 17.90 -1.79
CA TYR B 35 8.03 18.78 -2.96
C TYR B 35 8.63 18.13 -4.18
N ILE B 36 7.84 18.09 -5.27
CA ILE B 36 8.23 17.33 -6.45
C ILE B 36 7.97 18.12 -7.73
N HIS B 37 8.69 17.78 -8.79
CA HIS B 37 8.29 18.14 -10.14
C HIS B 37 8.31 16.87 -10.96
N TYR B 38 7.47 16.81 -11.97
CA TYR B 38 7.46 15.58 -12.78
C TYR B 38 6.83 15.86 -14.15
N GLN B 39 7.00 14.90 -15.05
CA GLN B 39 6.29 14.87 -16.35
C GLN B 39 5.83 13.48 -16.58
N GLY B 40 4.70 13.31 -17.25
CA GLY B 40 4.27 11.98 -17.67
C GLY B 40 4.08 11.99 -19.17
N LYS B 41 4.36 10.86 -19.80
CA LYS B 41 4.24 10.68 -21.31
C LYS B 41 3.48 9.40 -21.67
N THR B 42 2.77 9.43 -22.81
CA THR B 42 2.17 8.24 -23.35
C THR B 42 3.21 7.28 -23.92
N THR B 43 2.91 6.00 -23.89
CA THR B 43 3.81 5.01 -24.43
C THR B 43 3.39 4.52 -25.81
N ASN B 44 2.30 5.07 -26.34
CA ASN B 44 1.88 4.71 -27.69
C ASN B 44 2.22 5.82 -28.68
N ASP B 45 2.06 7.08 -28.31
CA ASP B 45 2.51 8.15 -29.22
C ASP B 45 3.58 9.09 -28.63
N PHE B 46 4.05 8.77 -27.42
CA PHE B 46 5.20 9.40 -26.78
C PHE B 46 5.01 10.86 -26.48
N ARG B 47 3.79 11.26 -26.19
CA ARG B 47 3.56 12.69 -25.95
C ARG B 47 3.51 13.06 -24.47
N ILE B 48 3.96 14.28 -24.11
CA ILE B 48 3.83 14.76 -22.76
C ILE B 48 2.36 15.03 -22.44
N ILE B 49 1.80 14.36 -21.42
CA ILE B 49 0.37 14.58 -21.10
C ILE B 49 0.26 15.58 -19.95
N HIS B 50 1.36 15.77 -19.22
CA HIS B 50 1.33 16.57 -18.00
C HIS B 50 2.77 16.85 -17.57
N SER B 51 3.03 18.12 -17.29
CA SER B 51 4.33 18.58 -16.76
C SER B 51 4.13 19.65 -15.70
N THR B 52 4.75 19.53 -14.52
CA THR B 52 4.51 20.46 -13.44
C THR B 52 5.55 21.61 -13.46
N PHE B 53 6.55 21.51 -14.33
CA PHE B 53 7.75 22.36 -14.25
C PHE B 53 7.39 23.86 -14.36
N ASN B 54 6.26 24.15 -15.00
CA ASN B 54 5.86 25.55 -15.11
C ASN B 54 5.12 26.13 -13.92
N SER B 55 4.87 25.34 -12.89
CA SER B 55 4.40 25.87 -11.59
C SER B 55 5.52 26.59 -10.86
N ILE B 56 5.22 27.77 -10.32
CA ILE B 56 6.24 28.55 -9.56
C ILE B 56 6.85 27.64 -8.48
N ILE B 57 6.01 27.32 -7.52
CA ILE B 57 6.36 26.46 -6.42
C ILE B 57 6.08 25.00 -6.81
N PRO B 58 7.06 24.09 -6.55
CA PRO B 58 6.76 22.67 -6.83
C PRO B 58 5.58 22.21 -6.00
N PRO B 59 4.73 21.35 -6.58
CA PRO B 59 3.64 20.78 -5.80
C PRO B 59 4.17 19.93 -4.60
N LYS B 60 3.41 19.87 -3.50
CA LYS B 60 3.82 19.03 -2.40
C LYS B 60 2.76 17.99 -2.08
N ILE B 61 3.22 16.84 -1.60
CA ILE B 61 2.34 15.76 -1.16
C ILE B 61 2.87 15.25 0.17
N ARG B 62 2.08 14.41 0.86
CA ARG B 62 2.61 13.52 1.92
C ARG B 62 2.84 12.17 1.30
N ALA B 63 4.05 11.66 1.45
CA ALA B 63 4.48 10.39 0.90
C ALA B 63 3.48 9.33 1.41
N GLY B 64 3.01 8.47 0.51
CA GLY B 64 2.06 7.40 0.84
C GLY B 64 0.65 7.80 1.24
N GLN B 65 0.30 9.07 1.09
CA GLN B 65 -1.02 9.55 1.41
C GLN B 65 -1.76 10.15 0.22
N TYR B 66 -2.44 9.26 -0.53
CA TYR B 66 -3.24 9.65 -1.72
C TYR B 66 -4.30 10.66 -1.32
N ASP B 67 -4.29 11.82 -1.99
CA ASP B 67 -5.25 12.88 -1.68
C ASP B 67 -5.86 13.44 -3.00
N GLN B 68 -5.82 12.63 -4.05
CA GLN B 68 -6.48 12.87 -5.36
C GLN B 68 -5.92 14.01 -6.20
N LYS B 69 -4.84 14.63 -5.78
CA LYS B 69 -4.29 15.79 -6.50
C LYS B 69 -3.23 15.46 -7.56
N HIS B 70 -2.79 14.20 -7.61
CA HIS B 70 -1.80 13.70 -8.56
C HIS B 70 -2.20 12.26 -8.81
N ILE B 71 -1.54 11.57 -9.77
CA ILE B 71 -1.87 10.14 -9.96
C ILE B 71 -1.49 9.33 -8.70
N ARG B 72 -2.26 8.31 -8.39
CA ARG B 72 -1.95 7.42 -7.29
C ARG B 72 -0.51 6.97 -7.19
N ALA B 73 0.13 6.59 -8.31
CA ALA B 73 1.46 6.00 -8.28
C ALA B 73 2.48 6.94 -7.60
N ILE B 74 2.30 8.24 -7.81
CA ILE B 74 3.29 9.22 -7.36
C ILE B 74 3.38 9.20 -5.83
N TYR B 75 2.23 9.09 -5.15
CA TYR B 75 2.24 9.05 -3.67
C TYR B 75 3.01 7.85 -3.18
N GLU B 76 2.92 6.74 -3.90
CA GLU B 76 3.66 5.54 -3.46
C GLU B 76 5.13 5.64 -3.79
N ILE B 77 5.41 6.04 -5.04
CA ILE B 77 6.73 5.92 -5.57
C ILE B 77 7.78 6.91 -5.00
N VAL B 78 7.33 8.02 -4.37
CA VAL B 78 8.29 8.94 -3.75
C VAL B 78 8.98 8.28 -2.52
N ILE B 79 8.36 7.25 -1.96
CA ILE B 79 8.96 6.55 -0.79
C ILE B 79 10.29 5.90 -1.18
N GLY B 80 11.34 6.13 -0.40
CA GLY B 80 12.64 5.61 -0.74
C GLY B 80 13.49 6.55 -1.63
N MET B 81 12.88 7.58 -2.23
CA MET B 81 13.63 8.59 -2.97
C MET B 81 14.30 9.49 -1.95
N LYS B 82 15.31 10.24 -2.40
CA LYS B 82 16.03 11.25 -1.60
C LYS B 82 15.91 12.63 -2.25
N LYS B 83 16.33 13.71 -1.57
CA LYS B 83 16.42 15.01 -2.26
C LYS B 83 17.22 14.90 -3.58
N HIS B 84 16.70 15.44 -4.72
CA HIS B 84 17.35 15.36 -6.03
C HIS B 84 17.34 13.99 -6.70
N THR B 85 16.73 13.00 -6.06
CA THR B 85 16.50 11.75 -6.80
C THR B 85 15.62 12.03 -8.00
N ARG B 86 15.96 11.48 -9.15
CA ARG B 86 15.04 11.44 -10.30
C ARG B 86 14.70 9.96 -10.55
N ARG B 87 13.41 9.63 -10.42
CA ARG B 87 12.95 8.21 -10.49
C ARG B 87 12.09 8.09 -11.74
N GLN B 88 12.46 7.23 -12.66
CA GLN B 88 11.63 7.01 -13.85
C GLN B 88 10.70 5.81 -13.53
N CYS B 89 9.39 5.94 -13.83
CA CYS B 89 8.29 5.04 -13.40
C CYS B 89 7.50 4.64 -14.65
N VAL B 90 7.27 3.35 -14.87
CA VAL B 90 6.29 2.86 -15.87
C VAL B 90 5.02 2.55 -15.07
N VAL B 91 3.99 3.34 -15.31
CA VAL B 91 2.81 3.38 -14.41
C VAL B 91 1.62 2.63 -15.04
N PRO B 92 1.08 1.63 -14.33
CA PRO B 92 -0.07 0.90 -14.89
C PRO B 92 -1.37 1.73 -14.77
N PRO B 93 -2.33 1.51 -15.69
CA PRO B 93 -3.52 2.40 -15.74
C PRO B 93 -4.32 2.53 -14.44
N HIS B 94 -4.39 1.49 -13.60
CA HIS B 94 -5.19 1.57 -12.34
C HIS B 94 -4.54 2.54 -11.32
N LEU B 95 -3.29 2.92 -11.55
CA LEU B 95 -2.65 3.91 -10.67
C LEU B 95 -2.42 5.24 -11.37
N ALA B 96 -3.02 5.44 -12.56
CA ALA B 96 -2.81 6.71 -13.25
C ALA B 96 -4.18 7.24 -13.72
N TYR B 97 -4.58 6.99 -14.95
CA TYR B 97 -5.84 7.55 -15.43
C TYR B 97 -6.71 6.41 -16.03
N PRO B 98 -7.26 5.53 -15.18
CA PRO B 98 -7.93 4.34 -15.76
C PRO B 98 -9.09 4.75 -16.68
N ASN B 99 -9.59 5.98 -16.56
CA ASN B 99 -10.70 6.43 -17.44
C ASN B 99 -10.27 7.30 -18.63
N HIS B 100 -9.00 7.71 -18.69
CA HIS B 100 -8.55 8.54 -19.77
C HIS B 100 -7.52 7.83 -20.64
N PHE B 101 -6.61 7.11 -19.99
CA PHE B 101 -5.60 6.24 -20.68
C PHE B 101 -5.76 4.80 -20.13
N PRO B 102 -6.88 4.14 -20.51
CA PRO B 102 -7.22 2.86 -19.89
C PRO B 102 -6.30 1.68 -20.23
N SER B 103 -5.57 1.74 -21.31
CA SER B 103 -4.99 0.51 -21.88
C SER B 103 -3.46 0.47 -21.88
N GLN B 104 -2.83 1.61 -21.62
CA GLN B 104 -1.38 1.72 -21.84
C GLN B 104 -0.69 2.10 -20.54
N PRO B 105 0.53 1.60 -20.32
CA PRO B 105 1.29 2.21 -19.23
C PRO B 105 1.68 3.65 -19.64
N LEU B 106 1.95 4.49 -18.63
CA LEU B 106 2.45 5.84 -18.84
C LEU B 106 3.84 5.93 -18.19
N LEU B 107 4.69 6.73 -18.79
CA LEU B 107 6.07 6.86 -18.38
C LEU B 107 6.26 8.20 -17.67
N TYR B 108 6.63 8.14 -16.39
CA TYR B 108 6.79 9.37 -15.61
C TYR B 108 8.22 9.50 -15.17
N GLU B 109 8.70 10.73 -15.06
CA GLU B 109 9.98 10.95 -14.38
C GLU B 109 9.76 11.99 -13.30
N ILE B 110 10.13 11.64 -12.05
CA ILE B 110 9.78 12.50 -10.94
C ILE B 110 11.08 12.95 -10.27
N ASP B 111 11.17 14.26 -10.01
CA ASP B 111 12.30 14.88 -9.33
C ASP B 111 11.88 15.25 -7.92
N VAL B 112 12.61 14.82 -6.88
CA VAL B 112 12.28 15.34 -5.56
C VAL B 112 13.08 16.65 -5.38
N VAL B 113 12.40 17.72 -4.99
CA VAL B 113 13.03 19.05 -4.83
C VAL B 113 13.39 19.29 -3.34
N LYS B 114 12.53 18.85 -2.43
CA LYS B 114 12.69 19.20 -1.01
C LYS B 114 11.86 18.21 -0.21
N VAL B 115 12.38 17.84 0.96
CA VAL B 115 11.70 16.88 1.83
C VAL B 115 11.60 17.50 3.23
N VAL B 116 10.41 17.43 3.83
CA VAL B 116 10.20 17.90 5.18
C VAL B 116 9.82 16.67 5.98
N LYS B 117 10.70 16.20 6.86
CA LYS B 117 10.38 14.97 7.57
C LYS B 117 9.09 15.10 8.43
N LYS B 118 8.35 14.01 8.60
CA LYS B 118 7.05 14.08 9.32
C LYS B 118 7.20 14.46 10.81
#